data_7ZCV
#
_entry.id   7ZCV
#
_cell.length_a   75.479
_cell.length_b   80.871
_cell.length_c   106.534
_cell.angle_alpha   90.000
_cell.angle_beta   90.000
_cell.angle_gamma   90.000
#
_symmetry.space_group_name_H-M   'P 21 21 21'
#
loop_
_entity.id
_entity.type
_entity.pdbx_description
1 polymer 'Transcriptional regulator'
2 water water
#
_entity_poly.entity_id   1
_entity_poly.type   'polypeptide(L)'
_entity_poly.pdbx_seq_one_letter_code
;MIEKMELGEFYKELRLARKLKQTDVACEGLTASQLSKFELGQSMLSADKLILAIQGINVTFDEFGHKLNNYQESPHMRIG
RKVVNRFAHQDIAALEQLLEEVDQEQMAQTYRRLNAIVIKDAIHSLNKSYPLAEEDSEFLTTYLYAIESWTWFELYLFCN
TMPFLSNQDLIFLSTSLLEKSKEFKELVHNRLYMKQGLLNILSELMERKLFSYIPIFEAELERMLRPYDVFEKVSWQFLK
KMSVFLQTKGSNQKEIERFIQSLQVLENPQLTSLFELRFQQYKELID
;
_entity_poly.pdbx_strand_id   A,B
#
# COMPACT_ATOMS: atom_id res chain seq x y z
N MET A 5 3.98 17.04 22.90
CA MET A 5 4.40 16.23 24.02
C MET A 5 3.33 15.23 24.43
N GLU A 6 2.22 15.72 24.95
CA GLU A 6 1.10 14.83 25.25
C GLU A 6 0.35 14.50 23.97
N LEU A 7 -0.38 13.38 24.00
CA LEU A 7 -1.09 12.93 22.81
C LEU A 7 -2.16 13.94 22.40
N GLY A 8 -2.83 14.56 23.38
CA GLY A 8 -3.83 15.56 23.04
C GLY A 8 -3.21 16.77 22.37
N GLU A 9 -2.03 17.18 22.85
CA GLU A 9 -1.32 18.30 22.25
C GLU A 9 -0.86 17.95 20.83
N PHE A 10 -0.39 16.72 20.64
CA PHE A 10 -0.04 16.26 19.29
C PHE A 10 -1.27 16.24 18.39
N TYR A 11 -2.38 15.71 18.89
CA TYR A 11 -3.61 15.66 18.11
C TYR A 11 -4.09 17.06 17.72
N LYS A 12 -4.01 18.01 18.65
CA LYS A 12 -4.49 19.36 18.38
C LYS A 12 -3.74 20.00 17.21
N GLU A 13 -2.42 19.86 17.17
CA GLU A 13 -1.66 20.36 16.03
C GLU A 13 -2.17 19.76 14.72
N LEU A 14 -2.44 18.46 14.72
CA LEU A 14 -2.95 17.80 13.51
C LEU A 14 -4.31 18.35 13.13
N ARG A 15 -5.22 18.48 14.10
CA ARG A 15 -6.55 19.00 13.81
C ARG A 15 -6.48 20.39 13.18
N LEU A 16 -5.62 21.26 13.73
CA LEU A 16 -5.49 22.60 13.18
C LEU A 16 -4.88 22.58 11.78
N ALA A 17 -3.96 21.66 11.52
CA ALA A 17 -3.41 21.52 10.18
C ALA A 17 -4.49 21.07 9.18
N ARG A 18 -5.43 20.24 9.63
CA ARG A 18 -6.55 19.86 8.79
C ARG A 18 -7.59 20.98 8.67
N LYS A 19 -7.43 22.06 9.41
CA LYS A 19 -8.35 23.21 9.36
C LYS A 19 -9.76 22.80 9.77
N LEU A 20 -9.86 21.97 10.79
CA LEU A 20 -11.12 21.52 11.35
C LEU A 20 -11.31 22.13 12.74
N LYS A 21 -12.55 22.46 13.07
CA LYS A 21 -12.90 22.89 14.41
C LYS A 21 -13.22 21.66 15.27
N GLN A 22 -13.17 21.85 16.59
CA GLN A 22 -13.57 20.78 17.49
C GLN A 22 -14.98 20.30 17.19
N THR A 23 -15.87 21.22 16.80
CA THR A 23 -17.24 20.84 16.48
C THR A 23 -17.32 20.03 15.19
N ASP A 24 -16.34 20.18 14.28
CA ASP A 24 -16.29 19.35 13.09
C ASP A 24 -15.96 17.90 13.44
N VAL A 25 -15.05 17.71 14.41
CA VAL A 25 -14.66 16.37 14.82
C VAL A 25 -15.73 15.73 15.69
N ALA A 26 -16.37 16.52 16.55
CA ALA A 26 -17.35 16.00 17.49
C ALA A 26 -18.46 15.25 16.77
N CYS A 27 -18.92 14.16 17.38
CA CYS A 27 -19.99 13.36 16.82
C CYS A 27 -20.66 12.61 17.97
N GLU A 28 -21.39 11.54 17.66
CA GLU A 28 -22.03 10.75 18.69
C GLU A 28 -20.99 10.02 19.52
N GLY A 29 -21.02 10.23 20.84
CA GLY A 29 -20.09 9.63 21.76
C GLY A 29 -18.91 10.50 22.13
N LEU A 30 -18.53 11.43 21.26
CA LEU A 30 -17.36 12.28 21.48
C LEU A 30 -17.82 13.72 21.35
N THR A 31 -17.87 14.42 22.48
CA THR A 31 -18.27 15.82 22.54
C THR A 31 -17.06 16.73 22.36
N ALA A 32 -17.35 17.99 21.99
CA ALA A 32 -16.29 18.97 21.84
C ALA A 32 -15.55 19.19 23.15
N SER A 33 -16.28 19.23 24.27
CA SER A 33 -15.63 19.41 25.57
C SER A 33 -14.71 18.23 25.89
N GLN A 34 -15.14 17.00 25.61
CA GLN A 34 -14.25 15.86 25.78
C GLN A 34 -13.00 16.00 24.92
N LEU A 35 -13.17 16.44 23.66
CA LEU A 35 -12.02 16.65 22.79
C LEU A 35 -11.14 17.76 23.35
N SER A 36 -11.76 18.81 23.90
CA SER A 36 -10.99 19.92 24.47
C SER A 36 -10.17 19.45 25.67
N LYS A 37 -10.79 18.72 26.60
CA LYS A 37 -10.04 18.23 27.75
C LYS A 37 -8.91 17.31 27.31
N PHE A 38 -9.16 16.53 26.25
CA PHE A 38 -8.11 15.71 25.66
C PHE A 38 -6.98 16.57 25.12
N GLU A 39 -7.30 17.55 24.29
CA GLU A 39 -6.26 18.39 23.70
C GLU A 39 -5.49 19.18 24.75
N LEU A 40 -6.13 19.50 25.87
CA LEU A 40 -5.44 20.22 26.93
C LEU A 40 -4.56 19.32 27.79
N GLY A 41 -4.61 18.01 27.59
CA GLY A 41 -3.85 17.09 28.41
C GLY A 41 -4.42 16.87 29.79
N GLN A 42 -5.67 17.27 30.05
CA GLN A 42 -6.29 17.10 31.36
C GLN A 42 -7.06 15.78 31.48
N SER A 43 -7.32 15.10 30.37
CA SER A 43 -7.97 13.80 30.42
C SER A 43 -7.63 13.05 29.15
N MET A 44 -7.69 11.72 29.25
CA MET A 44 -7.41 10.84 28.12
C MET A 44 -8.71 10.25 27.58
N LEU A 45 -8.78 10.10 26.26
CA LEU A 45 -9.92 9.47 25.63
C LEU A 45 -9.86 7.95 25.78
N SER A 46 -11.04 7.34 25.88
CA SER A 46 -11.11 5.88 25.83
C SER A 46 -10.69 5.40 24.45
N ALA A 47 -10.48 4.08 24.35
CA ALA A 47 -10.05 3.50 23.07
C ALA A 47 -11.04 3.80 21.97
N ASP A 48 -12.34 3.63 22.24
CA ASP A 48 -13.37 3.88 21.23
C ASP A 48 -13.42 5.37 20.86
N LYS A 49 -13.30 6.26 21.85
CA LYS A 49 -13.34 7.68 21.55
C LYS A 49 -12.09 8.14 20.81
N LEU A 50 -10.93 7.54 21.13
CA LEU A 50 -9.70 7.89 20.43
C LEU A 50 -9.80 7.58 18.94
N ILE A 51 -10.37 6.43 18.60
CA ILE A 51 -10.46 6.07 17.18
C ILE A 51 -11.43 7.00 16.47
N LEU A 52 -12.49 7.45 17.15
CA LEU A 52 -13.39 8.45 16.57
C LEU A 52 -12.65 9.77 16.31
N ALA A 53 -11.82 10.19 17.26
CA ALA A 53 -11.10 11.46 17.12
C ALA A 53 -10.13 11.42 15.94
N ILE A 54 -9.46 10.29 15.74
CA ILE A 54 -8.48 10.19 14.65
C ILE A 54 -9.21 10.11 13.31
N GLN A 55 -10.25 9.28 13.23
CA GLN A 55 -11.05 9.25 12.01
C GLN A 55 -11.71 10.60 11.76
N GLY A 56 -11.96 11.36 12.82
CA GLY A 56 -12.60 12.66 12.69
C GLY A 56 -11.76 13.74 12.04
N ILE A 57 -10.42 13.60 12.07
CA ILE A 57 -9.56 14.58 11.40
C ILE A 57 -9.09 14.08 10.05
N ASN A 58 -9.57 12.93 9.60
CA ASN A 58 -9.38 12.45 8.22
C ASN A 58 -7.90 12.34 7.86
N VAL A 59 -7.15 11.64 8.71
CA VAL A 59 -5.79 11.19 8.42
C VAL A 59 -5.80 9.67 8.54
N THR A 60 -5.03 9.00 7.68
CA THR A 60 -4.94 7.56 7.79
C THR A 60 -4.11 7.19 9.03
N PHE A 61 -4.28 5.95 9.48
CA PHE A 61 -3.49 5.50 10.62
C PHE A 61 -2.01 5.50 10.30
N ASP A 62 -1.65 5.19 9.06
CA ASP A 62 -0.25 5.27 8.66
C ASP A 62 0.27 6.69 8.81
N GLU A 63 -0.52 7.68 8.37
CA GLU A 63 -0.12 9.09 8.50
C GLU A 63 -0.05 9.51 9.96
N PHE A 64 -1.03 9.12 10.78
CA PHE A 64 -1.00 9.50 12.19
C PHE A 64 0.25 8.94 12.87
N GLY A 65 0.55 7.66 12.63
CA GLY A 65 1.72 7.05 13.22
C GLY A 65 3.03 7.60 12.66
N HIS A 66 3.05 7.93 11.37
CA HIS A 66 4.25 8.49 10.76
C HIS A 66 4.67 9.79 11.44
N LYS A 67 3.72 10.72 11.60
CA LYS A 67 4.04 11.98 12.26
C LYS A 67 4.37 11.77 13.73
N LEU A 68 3.68 10.82 14.39
CA LEU A 68 3.99 10.51 15.78
C LEU A 68 5.43 10.07 15.96
N ASN A 69 6.00 9.40 14.95
CA ASN A 69 7.37 8.90 15.00
C ASN A 69 8.35 9.86 14.33
N ASN A 70 8.02 11.15 14.26
CA ASN A 70 8.89 12.16 13.66
C ASN A 70 9.21 11.82 12.20
N TYR A 71 8.19 11.38 11.46
CA TYR A 71 8.29 11.11 10.02
C TYR A 71 9.31 10.01 9.71
N GLN A 72 9.46 9.06 10.63
CA GLN A 72 10.22 7.84 10.40
C GLN A 72 9.26 6.64 10.46
N GLU A 73 9.54 5.62 9.66
CA GLU A 73 8.77 4.40 9.78
C GLU A 73 9.12 3.69 11.08
N SER A 74 8.28 2.75 11.49
CA SER A 74 8.58 1.97 12.68
C SER A 74 9.93 1.26 12.52
N PRO A 75 10.73 1.16 13.58
CA PRO A 75 12.03 0.49 13.46
C PRO A 75 11.96 -0.91 12.87
N HIS A 76 10.97 -1.72 13.25
CA HIS A 76 10.94 -3.09 12.70
C HIS A 76 10.63 -3.07 11.21
N MET A 77 9.88 -2.08 10.74
CA MET A 77 9.62 -2.00 9.31
C MET A 77 10.79 -1.41 8.55
N ARG A 78 11.49 -0.44 9.16
CA ARG A 78 12.69 0.09 8.53
C ARG A 78 13.73 -1.00 8.31
N ILE A 79 13.96 -1.83 9.32
CA ILE A 79 14.93 -2.92 9.21
C ILE A 79 14.47 -3.94 8.17
N GLY A 80 13.22 -4.39 8.28
CA GLY A 80 12.75 -5.44 7.38
C GLY A 80 12.73 -5.01 5.93
N ARG A 81 12.32 -3.78 5.67
CA ARG A 81 12.28 -3.32 4.28
C ARG A 81 13.70 -3.17 3.73
N LYS A 82 14.63 -2.68 4.56
CA LYS A 82 16.01 -2.57 4.11
C LYS A 82 16.63 -3.94 3.84
N VAL A 83 16.30 -4.93 4.66
CA VAL A 83 16.82 -6.29 4.43
C VAL A 83 16.30 -6.82 3.10
N VAL A 84 14.98 -6.70 2.86
CA VAL A 84 14.39 -7.18 1.62
C VAL A 84 15.01 -6.46 0.43
N ASN A 85 15.10 -5.13 0.51
CA ASN A 85 15.64 -4.34 -0.58
C ASN A 85 17.08 -4.72 -0.88
N ARG A 86 17.92 -4.83 0.15
CA ARG A 86 19.32 -5.12 -0.09
C ARG A 86 19.51 -6.55 -0.56
N PHE A 87 18.67 -7.49 -0.10
CA PHE A 87 18.76 -8.85 -0.63
C PHE A 87 18.36 -8.88 -2.10
N ALA A 88 17.32 -8.12 -2.46
CA ALA A 88 16.90 -8.01 -3.84
C ALA A 88 17.99 -7.41 -4.73
N HIS A 89 18.91 -6.64 -4.14
CA HIS A 89 20.04 -6.08 -4.87
C HIS A 89 21.32 -6.88 -4.69
N GLN A 90 21.23 -8.08 -4.12
CA GLN A 90 22.39 -8.95 -3.91
C GLN A 90 23.52 -8.20 -3.21
N ASP A 91 23.15 -7.36 -2.24
CA ASP A 91 24.10 -6.44 -1.61
C ASP A 91 24.56 -7.07 -0.29
N ILE A 92 25.54 -7.97 -0.41
CA ILE A 92 26.05 -8.68 0.77
C ILE A 92 26.62 -7.69 1.78
N ALA A 93 27.39 -6.70 1.30
CA ALA A 93 28.02 -5.72 2.20
C ALA A 93 26.97 -4.98 3.02
N ALA A 94 25.86 -4.57 2.39
CA ALA A 94 24.83 -3.86 3.13
C ALA A 94 24.11 -4.78 4.12
N LEU A 95 23.94 -6.05 3.76
CA LEU A 95 23.33 -7.00 4.69
C LEU A 95 24.21 -7.21 5.92
N GLU A 96 25.53 -7.29 5.72
CA GLU A 96 26.43 -7.46 6.85
C GLU A 96 26.42 -6.23 7.75
N GLN A 97 26.27 -5.04 7.18
CA GLN A 97 26.13 -3.84 8.00
C GLN A 97 24.82 -3.82 8.77
N LEU A 98 23.74 -4.32 8.16
CA LEU A 98 22.46 -4.41 8.85
C LEU A 98 22.54 -5.35 10.04
N LEU A 99 23.35 -6.41 9.93
CA LEU A 99 23.51 -7.35 11.03
C LEU A 99 24.09 -6.66 12.26
N GLU A 100 25.10 -5.82 12.07
CA GLU A 100 25.68 -5.10 13.19
C GLU A 100 24.74 -3.99 13.67
N GLU A 101 23.97 -3.42 12.76
CA GLU A 101 22.98 -2.41 13.12
C GLU A 101 21.88 -3.01 13.99
N VAL A 102 21.39 -4.20 13.63
CA VAL A 102 20.39 -4.88 14.46
C VAL A 102 20.94 -5.13 15.86
N ASP A 103 22.21 -5.52 15.94
CA ASP A 103 22.82 -5.84 17.23
C ASP A 103 22.96 -4.61 18.12
N GLN A 104 22.90 -3.41 17.55
CA GLN A 104 23.06 -2.18 18.30
C GLN A 104 21.76 -1.44 18.54
N GLU A 105 20.65 -1.95 18.02
CA GLU A 105 19.37 -1.28 18.17
C GLU A 105 18.65 -1.80 19.40
N GLN A 106 17.89 -0.91 20.04
CA GLN A 106 17.10 -1.26 21.21
C GLN A 106 15.80 -1.94 20.76
N MET A 107 15.69 -3.23 21.03
CA MET A 107 14.50 -3.99 20.69
C MET A 107 14.47 -5.22 21.59
N ALA A 108 13.32 -5.88 21.62
CA ALA A 108 13.20 -7.11 22.39
C ALA A 108 14.21 -8.13 21.91
N GLN A 109 14.77 -8.90 22.84
CA GLN A 109 15.77 -9.90 22.49
C GLN A 109 15.24 -10.86 21.43
N THR A 110 13.98 -11.27 21.54
CA THR A 110 13.38 -12.14 20.54
C THR A 110 13.47 -11.52 19.16
N TYR A 111 13.20 -10.21 19.04
CA TYR A 111 13.22 -9.57 17.73
C TYR A 111 14.64 -9.42 17.21
N ARG A 112 15.60 -9.15 18.11
CA ARG A 112 16.99 -9.09 17.68
C ARG A 112 17.44 -10.43 17.12
N ARG A 113 17.02 -11.52 17.77
CA ARG A 113 17.38 -12.85 17.29
C ARG A 113 16.73 -13.14 15.95
N LEU A 114 15.45 -12.81 15.79
CA LEU A 114 14.75 -13.10 14.54
C LEU A 114 15.33 -12.30 13.36
N ASN A 115 15.64 -11.02 13.58
CA ASN A 115 16.22 -10.22 12.50
C ASN A 115 17.58 -10.74 12.07
N ALA A 116 18.40 -11.15 13.04
CA ALA A 116 19.72 -11.71 12.72
C ALA A 116 19.59 -12.97 11.87
N ILE A 117 18.59 -13.80 12.16
CA ILE A 117 18.41 -15.04 11.40
C ILE A 117 18.02 -14.73 9.96
N VAL A 118 17.10 -13.80 9.76
CA VAL A 118 16.71 -13.42 8.40
C VAL A 118 17.91 -12.87 7.62
N ILE A 119 18.66 -11.96 8.24
CA ILE A 119 19.80 -11.37 7.55
C ILE A 119 20.84 -12.44 7.23
N LYS A 120 21.17 -13.29 8.21
CA LYS A 120 22.15 -14.34 7.96
C LYS A 120 21.65 -15.31 6.88
N ASP A 121 20.35 -15.61 6.88
CA ASP A 121 19.77 -16.43 5.82
C ASP A 121 19.95 -15.78 4.45
N ALA A 122 19.73 -14.46 4.37
CA ALA A 122 19.86 -13.76 3.10
C ALA A 122 21.30 -13.80 2.60
N ILE A 123 22.26 -13.54 3.48
CA ILE A 123 23.67 -13.59 3.08
C ILE A 123 24.03 -14.99 2.61
N HIS A 124 23.54 -16.02 3.31
CA HIS A 124 23.82 -17.38 2.90
C HIS A 124 23.18 -17.70 1.55
N SER A 125 22.01 -17.12 1.27
CA SER A 125 21.40 -17.31 -0.04
C SER A 125 22.26 -16.72 -1.16
N LEU A 126 22.97 -15.63 -0.88
CA LEU A 126 23.87 -15.05 -1.88
C LEU A 126 25.22 -15.74 -1.88
N ASN A 127 25.73 -16.06 -0.70
CA ASN A 127 27.04 -16.69 -0.51
C ASN A 127 26.80 -17.98 0.27
N LYS A 128 26.64 -19.08 -0.47
CA LYS A 128 26.35 -20.37 0.16
C LYS A 128 27.44 -20.82 1.12
N SER A 129 28.65 -20.28 1.00
CA SER A 129 29.72 -20.59 1.93
C SER A 129 29.60 -19.85 3.25
N TYR A 130 28.68 -18.90 3.37
CA TYR A 130 28.39 -18.23 4.64
C TYR A 130 27.67 -19.20 5.57
N PRO A 131 28.23 -19.53 6.73
CA PRO A 131 27.64 -20.59 7.56
C PRO A 131 26.34 -20.15 8.21
N LEU A 132 25.45 -21.12 8.40
CA LEU A 132 24.24 -20.98 9.19
C LEU A 132 24.28 -21.92 10.39
N ALA A 133 23.18 -21.94 11.16
CA ALA A 133 23.07 -22.76 12.36
C ALA A 133 21.65 -23.27 12.48
N GLU A 134 21.51 -24.56 12.80
CA GLU A 134 20.18 -25.17 12.91
C GLU A 134 19.38 -24.57 14.06
N GLU A 135 20.04 -24.23 15.17
CA GLU A 135 19.33 -23.66 16.31
C GLU A 135 18.63 -22.36 15.94
N ASP A 136 19.22 -21.57 15.03
CA ASP A 136 18.55 -20.35 14.58
C ASP A 136 17.32 -20.66 13.74
N SER A 137 17.43 -21.61 12.81
CA SER A 137 16.27 -21.98 12.01
C SER A 137 15.12 -22.46 12.88
N GLU A 138 15.43 -23.26 13.91
CA GLU A 138 14.38 -23.75 14.80
C GLU A 138 13.75 -22.62 15.61
N PHE A 139 14.53 -21.63 16.01
CA PHE A 139 13.99 -20.53 16.79
C PHE A 139 12.97 -19.73 15.98
N LEU A 140 13.30 -19.40 14.74
CA LEU A 140 12.36 -18.63 13.91
C LEU A 140 11.09 -19.42 13.63
N THR A 141 11.23 -20.71 13.31
CA THR A 141 10.06 -21.54 13.03
C THR A 141 9.16 -21.65 14.25
N THR A 142 9.74 -21.93 15.42
CA THR A 142 8.97 -21.97 16.66
C THR A 142 8.19 -20.67 16.84
N TYR A 143 8.82 -19.55 16.51
CA TYR A 143 8.17 -18.24 16.65
C TYR A 143 6.95 -18.12 15.74
N LEU A 144 7.09 -18.52 14.47
CA LEU A 144 5.99 -18.38 13.53
C LEU A 144 4.82 -19.27 13.93
N TYR A 145 5.10 -20.46 14.45
CA TYR A 145 4.04 -21.32 14.97
C TYR A 145 3.38 -20.73 16.20
N ALA A 146 4.13 -19.99 17.02
CA ALA A 146 3.58 -19.51 18.29
C ALA A 146 2.65 -18.32 18.11
N ILE A 147 2.94 -17.43 17.14
CA ILE A 147 2.13 -16.24 16.93
C ILE A 147 0.84 -16.63 16.23
N GLU A 148 -0.30 -16.33 16.86
CA GLU A 148 -1.57 -16.78 16.32
C GLU A 148 -2.07 -15.90 15.18
N SER A 149 -1.81 -14.59 15.21
CA SER A 149 -2.25 -13.68 14.17
C SER A 149 -1.03 -13.01 13.56
N TRP A 150 -0.77 -13.28 12.29
CA TRP A 150 0.45 -12.82 11.65
C TRP A 150 0.31 -11.37 11.20
N THR A 151 1.14 -10.50 11.77
CA THR A 151 1.25 -9.11 11.34
C THR A 151 2.26 -9.00 10.19
N TRP A 152 2.50 -7.76 9.75
CA TRP A 152 3.51 -7.53 8.72
C TRP A 152 4.86 -8.14 9.11
N PHE A 153 5.20 -8.08 10.40
CA PHE A 153 6.48 -8.62 10.85
C PHE A 153 6.58 -10.12 10.58
N GLU A 154 5.49 -10.87 10.84
CA GLU A 154 5.53 -12.30 10.58
C GLU A 154 5.52 -12.61 9.09
N LEU A 155 4.83 -11.80 8.28
CA LEU A 155 4.90 -11.96 6.83
C LEU A 155 6.32 -11.74 6.32
N TYR A 156 6.99 -10.73 6.86
CA TYR A 156 8.37 -10.47 6.51
C TYR A 156 9.27 -11.65 6.88
N LEU A 157 9.09 -12.18 8.09
CA LEU A 157 9.88 -13.34 8.51
C LEU A 157 9.61 -14.56 7.62
N PHE A 158 8.34 -14.87 7.38
CA PHE A 158 7.98 -16.06 6.62
C PHE A 158 8.42 -15.94 5.17
N CYS A 159 8.13 -14.81 4.52
CA CYS A 159 8.42 -14.67 3.09
C CYS A 159 9.90 -14.79 2.78
N ASN A 160 10.77 -14.39 3.70
CA ASN A 160 12.18 -14.31 3.39
C ASN A 160 12.99 -15.48 3.96
N THR A 161 12.34 -16.43 4.63
CA THR A 161 13.04 -17.58 5.17
C THR A 161 12.46 -18.90 4.65
N MET A 162 11.52 -18.84 3.71
CA MET A 162 10.93 -20.04 3.12
C MET A 162 11.94 -21.03 2.55
N PRO A 163 12.99 -20.61 1.83
CA PRO A 163 13.93 -21.59 1.28
C PRO A 163 14.59 -22.45 2.34
N PHE A 164 14.66 -21.95 3.57
CA PHE A 164 15.33 -22.61 4.67
C PHE A 164 14.43 -23.60 5.42
N LEU A 165 13.14 -23.63 5.14
CA LEU A 165 12.22 -24.50 5.85
C LEU A 165 12.28 -25.90 5.28
N SER A 166 12.15 -26.91 6.15
CA SER A 166 11.93 -28.26 5.66
C SER A 166 10.62 -28.31 4.88
N ASN A 167 10.46 -29.36 4.08
CA ASN A 167 9.21 -29.55 3.35
C ASN A 167 8.03 -29.56 4.31
N GLN A 168 8.20 -30.23 5.45
CA GLN A 168 7.12 -30.33 6.43
C GLN A 168 6.68 -28.95 6.90
N ASP A 169 7.64 -28.10 7.27
CA ASP A 169 7.30 -26.77 7.76
C ASP A 169 6.85 -25.85 6.64
N LEU A 170 7.46 -25.97 5.45
CA LEU A 170 6.98 -25.18 4.31
C LEU A 170 5.50 -25.43 4.04
N ILE A 171 5.12 -26.71 3.98
CA ILE A 171 3.73 -27.04 3.66
C ILE A 171 2.80 -26.54 4.77
N PHE A 172 3.15 -26.81 6.02
CA PHE A 172 2.26 -26.45 7.13
C PHE A 172 2.17 -24.94 7.32
N LEU A 173 3.31 -24.25 7.32
CA LEU A 173 3.30 -22.80 7.52
C LEU A 173 2.69 -22.06 6.33
N SER A 174 2.92 -22.56 5.10
CA SER A 174 2.26 -21.96 3.94
C SER A 174 0.76 -22.10 4.04
N THR A 175 0.29 -23.28 4.44
CA THR A 175 -1.14 -23.47 4.65
C THR A 175 -1.65 -22.56 5.76
N SER A 176 -0.86 -22.41 6.83
CA SER A 176 -1.34 -21.60 7.95
C SER A 176 -1.34 -20.12 7.61
N LEU A 177 -0.45 -19.69 6.69
CA LEU A 177 -0.43 -18.31 6.24
C LEU A 177 -1.82 -17.86 5.79
N LEU A 178 -2.55 -18.75 5.11
CA LEU A 178 -3.89 -18.42 4.61
C LEU A 178 -4.80 -17.99 5.75
N GLU A 179 -4.77 -18.71 6.88
CA GLU A 179 -5.62 -18.39 8.01
C GLU A 179 -5.03 -17.31 8.91
N LYS A 180 -3.73 -17.39 9.20
CA LYS A 180 -3.13 -16.52 10.20
C LYS A 180 -2.99 -15.07 9.75
N SER A 181 -3.05 -14.79 8.45
CA SER A 181 -2.89 -13.44 7.96
C SER A 181 -4.21 -12.69 7.84
N LYS A 182 -5.34 -13.32 8.18
CA LYS A 182 -6.64 -12.74 7.84
C LYS A 182 -6.92 -11.45 8.60
N GLU A 183 -6.41 -11.32 9.82
CA GLU A 183 -6.77 -10.17 10.64
C GLU A 183 -6.32 -8.86 10.01
N PHE A 184 -5.13 -8.85 9.39
CA PHE A 184 -4.56 -7.62 8.85
C PHE A 184 -4.40 -7.66 7.34
N LYS A 185 -5.15 -8.54 6.68
CA LYS A 185 -4.94 -8.83 5.26
C LYS A 185 -5.31 -7.65 4.37
N GLU A 186 -6.28 -6.82 4.77
CA GLU A 186 -6.74 -5.71 3.96
C GLU A 186 -5.78 -4.52 3.94
N LEU A 187 -4.80 -4.48 4.83
CA LEU A 187 -3.93 -3.31 4.92
C LEU A 187 -2.94 -3.26 3.75
N VAL A 188 -2.55 -2.05 3.38
CA VAL A 188 -1.77 -1.86 2.15
C VAL A 188 -0.44 -2.60 2.21
N HIS A 189 0.28 -2.45 3.34
CA HIS A 189 1.59 -3.12 3.45
C HIS A 189 1.42 -4.63 3.48
N ASN A 190 0.47 -5.11 4.28
CA ASN A 190 0.30 -6.54 4.45
C ASN A 190 -0.15 -7.21 3.16
N ARG A 191 -1.11 -6.59 2.45
CA ARG A 191 -1.63 -7.25 1.25
C ARG A 191 -0.55 -7.39 0.19
N LEU A 192 0.34 -6.38 0.10
CA LEU A 192 1.45 -6.48 -0.84
C LEU A 192 2.35 -7.65 -0.49
N TYR A 193 2.68 -7.81 0.79
CA TYR A 193 3.55 -8.90 1.21
C TYR A 193 2.85 -10.25 1.05
N MET A 194 1.52 -10.29 1.18
CA MET A 194 0.80 -11.55 0.99
C MET A 194 0.90 -12.02 -0.45
N LYS A 195 0.72 -11.11 -1.41
CA LYS A 195 0.85 -11.49 -2.81
C LYS A 195 2.26 -11.98 -3.12
N GLN A 196 3.27 -11.27 -2.61
CA GLN A 196 4.65 -11.69 -2.84
C GLN A 196 4.94 -13.02 -2.18
N GLY A 197 4.42 -13.24 -0.97
CA GLY A 197 4.59 -14.52 -0.31
C GLY A 197 3.95 -15.66 -1.07
N LEU A 198 2.76 -15.43 -1.62
CA LEU A 198 2.10 -16.49 -2.39
C LEU A 198 2.91 -16.85 -3.63
N LEU A 199 3.47 -15.84 -4.30
CA LEU A 199 4.35 -16.11 -5.44
C LEU A 199 5.58 -16.91 -5.02
N ASN A 200 6.15 -16.59 -3.85
CA ASN A 200 7.33 -17.31 -3.38
C ASN A 200 6.98 -18.73 -2.95
N ILE A 201 5.80 -18.94 -2.39
CA ILE A 201 5.34 -20.29 -2.09
C ILE A 201 5.26 -21.11 -3.37
N LEU A 202 4.62 -20.56 -4.41
CA LEU A 202 4.52 -21.26 -5.69
C LEU A 202 5.91 -21.66 -6.21
N SER A 203 6.87 -20.73 -6.13
CA SER A 203 8.23 -21.03 -6.56
C SER A 203 8.84 -22.16 -5.74
N GLU A 204 8.70 -22.09 -4.41
CA GLU A 204 9.25 -23.12 -3.55
C GLU A 204 8.66 -24.49 -3.84
N LEU A 205 7.34 -24.56 -3.99
CA LEU A 205 6.69 -25.85 -4.26
C LEU A 205 7.21 -26.47 -5.55
N MET A 206 7.37 -25.67 -6.61
CA MET A 206 7.92 -26.19 -7.87
C MET A 206 9.33 -26.71 -7.69
N GLU A 207 10.20 -25.89 -7.08
CA GLU A 207 11.60 -26.27 -6.90
C GLU A 207 11.73 -27.55 -6.08
N ARG A 208 10.83 -27.78 -5.13
CA ARG A 208 10.86 -28.97 -4.30
C ARG A 208 10.05 -30.11 -4.89
N LYS A 209 9.45 -29.91 -6.06
CA LYS A 209 8.65 -30.93 -6.75
C LYS A 209 7.39 -31.29 -5.96
N LEU A 210 6.89 -30.35 -5.17
CA LEU A 210 5.64 -30.50 -4.42
C LEU A 210 4.47 -29.95 -5.23
N PHE A 211 4.30 -30.49 -6.44
CA PHE A 211 3.41 -29.87 -7.41
C PHE A 211 1.94 -29.98 -7.01
N SER A 212 1.56 -31.02 -6.28
CA SER A 212 0.16 -31.22 -5.92
C SER A 212 -0.38 -30.13 -5.00
N TYR A 213 0.49 -29.36 -4.33
CA TYR A 213 0.06 -28.32 -3.41
C TYR A 213 -0.15 -26.97 -4.08
N ILE A 214 0.25 -26.84 -5.34
CA ILE A 214 0.16 -25.54 -6.01
C ILE A 214 -1.26 -25.03 -6.13
N PRO A 215 -2.28 -25.85 -6.50
CA PRO A 215 -3.62 -25.25 -6.73
C PRO A 215 -4.20 -24.49 -5.56
N ILE A 216 -3.97 -24.95 -4.33
CA ILE A 216 -4.47 -24.25 -3.15
C ILE A 216 -3.97 -22.81 -3.13
N PHE A 217 -2.71 -22.60 -3.49
CA PHE A 217 -2.13 -21.27 -3.40
C PHE A 217 -2.39 -20.43 -4.65
N GLU A 218 -2.61 -21.06 -5.80
CA GLU A 218 -3.06 -20.31 -6.97
C GLU A 218 -4.47 -19.75 -6.77
N ALA A 219 -5.36 -20.53 -6.13
CA ALA A 219 -6.70 -20.03 -5.85
C ALA A 219 -6.66 -18.81 -4.96
N GLU A 220 -5.77 -18.80 -3.95
CA GLU A 220 -5.67 -17.65 -3.08
C GLU A 220 -5.13 -16.44 -3.82
N LEU A 221 -4.12 -16.64 -4.67
CA LEU A 221 -3.58 -15.56 -5.47
C LEU A 221 -4.63 -15.01 -6.42
N GLU A 222 -5.42 -15.91 -7.03
CA GLU A 222 -6.52 -15.50 -7.90
C GLU A 222 -7.49 -14.57 -7.20
N ARG A 223 -7.86 -14.89 -5.95
CA ARG A 223 -8.80 -14.06 -5.21
C ARG A 223 -8.23 -12.69 -4.88
N MET A 224 -6.93 -12.60 -4.67
CA MET A 224 -6.33 -11.37 -4.16
C MET A 224 -5.95 -10.40 -5.27
N LEU A 225 -5.61 -10.91 -6.45
CA LEU A 225 -5.05 -10.04 -7.48
C LEU A 225 -6.13 -9.18 -8.10
N ARG A 226 -5.83 -7.90 -8.26
CA ARG A 226 -6.67 -6.90 -8.88
C ARG A 226 -6.09 -6.53 -10.25
N PRO A 227 -6.88 -5.91 -11.13
CA PRO A 227 -6.34 -5.52 -12.44
C PRO A 227 -5.15 -4.58 -12.35
N TYR A 228 -5.02 -3.81 -11.27
CA TYR A 228 -3.84 -2.98 -11.09
C TYR A 228 -2.56 -3.80 -10.96
N ASP A 229 -2.66 -5.03 -10.46
CA ASP A 229 -1.50 -5.78 -10.02
C ASP A 229 -0.77 -6.44 -11.19
N VAL A 230 -0.31 -5.60 -12.13
CA VAL A 230 0.26 -6.12 -13.37
C VAL A 230 1.52 -6.94 -13.09
N PHE A 231 2.38 -6.46 -12.20
CA PHE A 231 3.62 -7.19 -11.94
C PHE A 231 3.35 -8.57 -11.34
N GLU A 232 2.46 -8.66 -10.36
CA GLU A 232 2.15 -9.97 -9.78
C GLU A 232 1.41 -10.86 -10.78
N LYS A 233 0.58 -10.26 -11.64
CA LYS A 233 -0.14 -11.05 -12.63
C LYS A 233 0.82 -11.68 -13.63
N VAL A 234 1.77 -10.88 -14.13
CA VAL A 234 2.76 -11.40 -15.08
C VAL A 234 3.67 -12.41 -14.39
N SER A 235 4.03 -12.17 -13.13
CA SER A 235 4.83 -13.14 -12.38
C SER A 235 4.12 -14.47 -12.27
N TRP A 236 2.81 -14.43 -11.97
CA TRP A 236 2.03 -15.66 -11.88
C TRP A 236 1.94 -16.36 -13.23
N GLN A 237 1.68 -15.60 -14.31
CA GLN A 237 1.68 -16.17 -15.64
C GLN A 237 2.96 -16.93 -15.93
N PHE A 238 4.09 -16.31 -15.62
CA PHE A 238 5.38 -16.92 -15.83
C PHE A 238 5.55 -18.18 -15.00
N LEU A 239 5.14 -18.14 -13.72
CA LEU A 239 5.29 -19.31 -12.85
C LEU A 239 4.38 -20.46 -13.27
N LYS A 240 3.19 -20.19 -13.82
CA LYS A 240 2.39 -21.28 -14.35
C LYS A 240 3.12 -22.00 -15.47
N LYS A 241 3.82 -21.25 -16.33
CA LYS A 241 4.62 -21.88 -17.38
C LYS A 241 5.82 -22.62 -16.80
N MET A 242 6.44 -22.07 -15.74
CA MET A 242 7.58 -22.75 -15.14
C MET A 242 7.17 -24.08 -14.51
N SER A 243 5.96 -24.15 -13.94
CA SER A 243 5.50 -25.41 -13.36
C SER A 243 5.38 -26.48 -14.42
N VAL A 244 4.79 -26.14 -15.56
CA VAL A 244 4.72 -27.09 -16.68
C VAL A 244 6.12 -27.49 -17.13
N PHE A 245 7.02 -26.50 -17.22
CA PHE A 245 8.40 -26.78 -17.63
C PHE A 245 9.05 -27.81 -16.72
N LEU A 246 8.94 -27.60 -15.41
CA LEU A 246 9.62 -28.47 -14.46
C LEU A 246 8.98 -29.85 -14.37
N GLN A 247 7.71 -29.98 -14.79
CA GLN A 247 7.01 -31.26 -14.72
C GLN A 247 7.07 -32.05 -16.03
N THR A 248 7.61 -31.47 -17.10
CA THR A 248 7.60 -32.13 -18.40
C THR A 248 8.95 -32.12 -19.08
N LYS A 249 10.04 -32.06 -18.30
CA LYS A 249 11.39 -32.08 -18.85
C LYS A 249 11.61 -30.93 -19.84
N GLY A 250 11.08 -29.76 -19.52
CA GLY A 250 11.30 -28.58 -20.34
C GLY A 250 10.55 -28.55 -21.65
N SER A 251 9.39 -29.21 -21.73
CA SER A 251 8.71 -29.37 -23.02
C SER A 251 8.25 -28.05 -23.63
N ASN A 252 7.97 -27.05 -22.80
CA ASN A 252 7.44 -25.77 -23.26
C ASN A 252 8.49 -24.67 -23.30
N GLN A 253 9.75 -25.05 -23.51
CA GLN A 253 10.84 -24.08 -23.49
C GLN A 253 10.63 -22.97 -24.50
N LYS A 254 10.22 -23.31 -25.73
CA LYS A 254 10.03 -22.30 -26.75
C LYS A 254 8.91 -21.34 -26.40
N GLU A 255 7.81 -21.86 -25.85
CA GLU A 255 6.71 -21.01 -25.42
C GLU A 255 7.16 -20.02 -24.34
N ILE A 256 8.00 -20.47 -23.41
CA ILE A 256 8.51 -19.58 -22.37
C ILE A 256 9.40 -18.51 -23.00
N GLU A 257 10.31 -18.93 -23.91
CA GLU A 257 11.17 -17.97 -24.59
C GLU A 257 10.35 -16.92 -25.34
N ARG A 258 9.30 -17.35 -26.04
CA ARG A 258 8.46 -16.39 -26.74
C ARG A 258 7.73 -15.47 -25.76
N PHE A 259 7.30 -16.01 -24.62
CA PHE A 259 6.61 -15.19 -23.62
C PHE A 259 7.51 -14.09 -23.08
N ILE A 260 8.75 -14.43 -22.74
CA ILE A 260 9.68 -13.43 -22.22
C ILE A 260 9.96 -12.36 -23.26
N GLN A 261 10.17 -12.76 -24.50
CA GLN A 261 10.42 -11.78 -25.56
C GLN A 261 9.23 -10.85 -25.75
N SER A 262 8.01 -11.38 -25.63
CA SER A 262 6.82 -10.56 -25.80
C SER A 262 6.67 -9.53 -24.68
N LEU A 263 7.39 -9.70 -23.56
CA LEU A 263 7.36 -8.68 -22.51
C LEU A 263 8.14 -7.42 -22.90
N GLN A 264 8.82 -7.43 -24.05
CA GLN A 264 9.51 -6.22 -24.50
C GLN A 264 8.56 -5.05 -24.67
N VAL A 265 7.26 -5.31 -24.88
CA VAL A 265 6.31 -4.22 -25.04
C VAL A 265 6.34 -3.30 -23.83
N LEU A 266 6.66 -3.86 -22.66
CA LEU A 266 6.69 -3.07 -21.43
C LEU A 266 7.89 -2.14 -21.35
N GLU A 267 8.84 -2.24 -22.28
CA GLU A 267 10.06 -1.40 -22.28
C GLU A 267 10.69 -1.32 -20.89
N ASN A 268 10.82 -2.48 -20.24
CA ASN A 268 11.30 -2.59 -18.86
C ASN A 268 12.47 -3.56 -18.84
N PRO A 269 13.69 -3.08 -19.09
CA PRO A 269 14.83 -4.01 -19.22
C PRO A 269 15.14 -4.77 -17.95
N GLN A 270 14.91 -4.15 -16.78
CA GLN A 270 15.14 -4.86 -15.53
C GLN A 270 14.15 -6.00 -15.35
N LEU A 271 12.89 -5.78 -15.73
CA LEU A 271 11.89 -6.83 -15.60
C LEU A 271 12.19 -7.99 -16.55
N THR A 272 12.58 -7.67 -17.79
CA THR A 272 12.94 -8.72 -18.74
C THR A 272 14.11 -9.54 -18.20
N SER A 273 15.15 -8.87 -17.69
CA SER A 273 16.29 -9.58 -17.13
C SER A 273 15.87 -10.47 -15.96
N LEU A 274 14.96 -9.99 -15.11
CA LEU A 274 14.51 -10.76 -13.96
C LEU A 274 13.92 -12.10 -14.39
N PHE A 275 13.06 -12.08 -15.39
CA PHE A 275 12.45 -13.33 -15.85
C PHE A 275 13.44 -14.19 -16.62
N GLU A 276 14.33 -13.55 -17.39
CA GLU A 276 15.37 -14.31 -18.08
C GLU A 276 16.26 -15.03 -17.08
N LEU A 277 16.61 -14.35 -15.98
CA LEU A 277 17.45 -14.95 -14.94
C LEU A 277 16.76 -16.17 -14.30
N ARG A 278 15.50 -16.01 -13.89
CA ARG A 278 14.78 -17.13 -13.27
C ARG A 278 14.63 -18.30 -14.22
N PHE A 279 14.35 -18.01 -15.49
CA PHE A 279 14.25 -19.07 -16.49
C PHE A 279 15.55 -19.85 -16.59
N GLN A 280 16.68 -19.12 -16.67
CA GLN A 280 17.97 -19.80 -16.74
C GLN A 280 18.22 -20.63 -15.49
N GLN A 281 17.80 -20.12 -14.32
CA GLN A 281 17.98 -20.86 -13.08
C GLN A 281 17.17 -22.15 -13.08
N TYR A 282 15.91 -22.07 -13.51
CA TYR A 282 15.07 -23.27 -13.55
C TYR A 282 15.55 -24.29 -14.58
N LYS A 283 16.20 -23.83 -15.65
CA LYS A 283 16.78 -24.77 -16.60
C LYS A 283 17.77 -25.72 -15.92
N GLU A 284 18.44 -25.25 -14.85
CA GLU A 284 19.39 -26.10 -14.15
C GLU A 284 18.70 -27.16 -13.29
N LEU A 285 17.39 -27.06 -13.09
CA LEU A 285 16.65 -28.06 -12.31
C LEU A 285 16.30 -29.32 -13.11
N ILE A 286 16.22 -29.23 -14.42
CA ILE A 286 15.95 -30.39 -15.26
C ILE A 286 17.26 -30.89 -15.85
N ASP A 287 17.29 -32.16 -16.20
CA ASP A 287 18.47 -32.79 -16.79
C ASP A 287 18.97 -32.05 -18.03
N GLU B 3 -15.48 -2.45 21.52
CA GLU B 3 -15.88 -2.56 22.92
C GLU B 3 -15.33 -1.38 23.74
N LYS B 4 -16.18 -0.81 24.59
CA LYS B 4 -15.76 0.31 25.43
C LYS B 4 -14.66 -0.13 26.40
N MET B 5 -13.45 0.37 26.19
CA MET B 5 -12.33 0.02 27.04
C MET B 5 -11.29 1.13 26.96
N GLU B 6 -10.41 1.16 27.94
CA GLU B 6 -9.32 2.10 27.93
C GLU B 6 -8.23 1.67 26.96
N LEU B 7 -7.43 2.64 26.51
CA LEU B 7 -6.38 2.35 25.55
C LEU B 7 -5.35 1.38 26.11
N GLY B 8 -5.07 1.47 27.42
CA GLY B 8 -4.11 0.55 28.02
C GLY B 8 -4.56 -0.90 27.98
N GLU B 9 -5.85 -1.14 28.23
CA GLU B 9 -6.35 -2.52 28.17
C GLU B 9 -6.28 -3.07 26.76
N PHE B 10 -6.62 -2.23 25.78
CA PHE B 10 -6.49 -2.64 24.39
C PHE B 10 -5.05 -2.97 24.05
N TYR B 11 -4.13 -2.12 24.47
CA TYR B 11 -2.71 -2.39 24.24
C TYR B 11 -2.30 -3.71 24.87
N LYS B 12 -2.78 -3.97 26.09
CA LYS B 12 -2.41 -5.21 26.77
C LYS B 12 -2.85 -6.43 25.98
N GLU B 13 -4.08 -6.40 25.42
CA GLU B 13 -4.53 -7.51 24.57
C GLU B 13 -3.54 -7.74 23.44
N LEU B 14 -3.08 -6.67 22.81
CA LEU B 14 -2.14 -6.77 21.71
C LEU B 14 -0.78 -7.29 22.21
N ARG B 15 -0.27 -6.74 23.31
CA ARG B 15 1.03 -7.20 23.81
C ARG B 15 1.02 -8.70 24.10
N LEU B 16 -0.06 -9.22 24.71
CA LEU B 16 -0.13 -10.64 24.98
C LEU B 16 -0.20 -11.46 23.69
N ALA B 17 -0.89 -10.94 22.67
CA ALA B 17 -0.89 -11.61 21.36
C ALA B 17 0.50 -11.63 20.73
N ARG B 18 1.30 -10.58 20.94
CA ARG B 18 2.68 -10.57 20.46
C ARG B 18 3.60 -11.40 21.35
N LYS B 19 3.10 -11.86 22.50
CA LYS B 19 3.82 -12.76 23.41
C LYS B 19 5.08 -12.10 24.00
N LEU B 20 4.99 -10.81 24.29
CA LEU B 20 6.10 -10.08 24.89
C LEU B 20 5.76 -9.67 26.32
N LYS B 21 6.79 -9.64 27.17
CA LYS B 21 6.63 -9.10 28.51
C LYS B 21 6.81 -7.58 28.49
N GLN B 22 6.29 -6.93 29.53
CA GLN B 22 6.46 -5.49 29.67
C GLN B 22 7.93 -5.10 29.62
N THR B 23 8.82 -5.91 30.22
CA THR B 23 10.24 -5.62 30.19
C THR B 23 10.84 -5.82 28.80
N ASP B 24 10.21 -6.65 27.96
CA ASP B 24 10.66 -6.78 26.57
C ASP B 24 10.40 -5.51 25.79
N VAL B 25 9.26 -4.86 26.06
CA VAL B 25 8.91 -3.65 25.35
C VAL B 25 9.74 -2.47 25.86
N ALA B 26 10.00 -2.41 27.16
CA ALA B 26 10.67 -1.28 27.78
C ALA B 26 12.02 -0.99 27.12
N CYS B 27 12.36 0.28 27.03
CA CYS B 27 13.62 0.71 26.44
C CYS B 27 13.94 2.12 26.94
N GLU B 28 14.83 2.81 26.25
CA GLU B 28 15.08 4.21 26.53
C GLU B 28 13.85 5.02 26.11
N GLY B 29 13.30 5.78 27.04
CA GLY B 29 12.10 6.55 26.79
C GLY B 29 10.84 5.92 27.33
N LEU B 30 10.81 4.60 27.50
CA LEU B 30 9.64 3.89 28.00
C LEU B 30 10.06 2.87 29.05
N THR B 31 9.69 3.07 30.31
CA THR B 31 10.00 2.08 31.33
C THR B 31 8.87 1.06 31.44
N ALA B 32 9.21 -0.11 31.98
CA ALA B 32 8.20 -1.15 32.19
C ALA B 32 7.11 -0.68 33.15
N SER B 33 7.50 0.03 34.20
CA SER B 33 6.52 0.55 35.16
C SER B 33 5.58 1.54 34.49
N GLN B 34 6.11 2.42 33.64
CA GLN B 34 5.26 3.32 32.86
C GLN B 34 4.28 2.54 31.99
N LEU B 35 4.76 1.48 31.34
CA LEU B 35 3.87 0.65 30.53
C LEU B 35 2.82 -0.05 31.38
N SER B 36 3.20 -0.50 32.58
CA SER B 36 2.26 -1.19 33.45
C SER B 36 1.13 -0.28 33.90
N LYS B 37 1.46 0.90 34.43
CA LYS B 37 0.42 1.83 34.84
C LYS B 37 -0.43 2.28 33.66
N PHE B 38 0.15 2.35 32.46
CA PHE B 38 -0.64 2.58 31.26
C PHE B 38 -1.65 1.46 31.06
N GLU B 39 -1.19 0.20 31.07
CA GLU B 39 -2.09 -0.92 30.88
C GLU B 39 -3.14 -1.03 31.98
N LEU B 40 -2.81 -0.61 33.20
CA LEU B 40 -3.74 -0.66 34.31
C LEU B 40 -4.75 0.49 34.30
N GLY B 41 -4.60 1.45 33.38
CA GLY B 41 -5.47 2.61 33.36
C GLY B 41 -5.17 3.64 34.41
N GLN B 42 -4.00 3.57 35.05
CA GLN B 42 -3.65 4.51 36.10
C GLN B 42 -2.92 5.75 35.57
N SER B 43 -2.41 5.69 34.35
CA SER B 43 -1.78 6.86 33.75
C SER B 43 -1.78 6.67 32.24
N MET B 44 -1.73 7.79 31.53
CA MET B 44 -1.67 7.77 30.07
C MET B 44 -0.26 8.08 29.62
N LEU B 45 0.18 7.41 28.56
CA LEU B 45 1.50 7.68 28.00
C LEU B 45 1.49 8.96 27.17
N SER B 46 2.61 9.66 27.20
CA SER B 46 2.81 10.78 26.30
C SER B 46 2.85 10.28 24.86
N ALA B 47 2.82 11.23 23.91
CA ALA B 47 2.86 10.87 22.50
C ALA B 47 4.09 10.04 22.16
N ASP B 48 5.26 10.47 22.62
CA ASP B 48 6.49 9.75 22.30
C ASP B 48 6.50 8.36 22.93
N LYS B 49 6.02 8.23 24.17
CA LYS B 49 6.02 6.93 24.83
C LYS B 49 5.01 5.98 24.21
N LEU B 50 3.86 6.49 23.78
CA LEU B 50 2.86 5.63 23.15
C LEU B 50 3.40 4.99 21.88
N ILE B 51 4.07 5.77 21.03
CA ILE B 51 4.58 5.21 19.79
C ILE B 51 5.69 4.21 20.08
N LEU B 52 6.50 4.47 21.12
CA LEU B 52 7.50 3.49 21.54
C LEU B 52 6.87 2.17 21.97
N ALA B 53 5.77 2.23 22.73
CA ALA B 53 5.11 1.01 23.17
C ALA B 53 4.58 0.21 22.00
N ILE B 54 4.05 0.89 20.99
CA ILE B 54 3.48 0.20 19.84
C ILE B 54 4.57 -0.37 18.93
N GLN B 55 5.58 0.42 18.59
CA GLN B 55 6.66 -0.16 17.80
C GLN B 55 7.43 -1.22 18.57
N GLY B 56 7.40 -1.18 19.91
CA GLY B 56 8.11 -2.15 20.72
C GLY B 56 7.53 -3.55 20.65
N ILE B 57 6.26 -3.70 20.25
CA ILE B 57 5.65 -5.01 20.05
C ILE B 57 5.57 -5.37 18.56
N ASN B 58 6.25 -4.60 17.69
CA ASN B 58 6.35 -4.91 16.26
C ASN B 58 4.96 -5.02 15.64
N VAL B 59 4.15 -4.02 15.94
CA VAL B 59 2.88 -3.77 15.27
C VAL B 59 3.00 -2.41 14.61
N THR B 60 2.59 -2.30 13.36
CA THR B 60 2.60 -0.98 12.75
C THR B 60 1.42 -0.19 13.30
N PHE B 61 1.52 1.14 13.21
CA PHE B 61 0.39 1.93 13.68
C PHE B 61 -0.84 1.68 12.82
N ASP B 62 -0.64 1.35 11.54
CA ASP B 62 -1.75 0.96 10.69
C ASP B 62 -2.45 -0.29 11.23
N GLU B 63 -1.67 -1.29 11.66
CA GLU B 63 -2.26 -2.49 12.25
C GLU B 63 -2.96 -2.15 13.57
N PHE B 64 -2.32 -1.31 14.38
CA PHE B 64 -2.90 -0.90 15.65
C PHE B 64 -4.24 -0.20 15.44
N GLY B 65 -4.29 0.75 14.50
CA GLY B 65 -5.53 1.47 14.25
C GLY B 65 -6.60 0.58 13.64
N HIS B 66 -6.20 -0.32 12.75
CA HIS B 66 -7.14 -1.27 12.14
C HIS B 66 -7.82 -2.11 13.21
N LYS B 67 -7.04 -2.71 14.11
CA LYS B 67 -7.65 -3.49 15.17
C LYS B 67 -8.45 -2.61 16.12
N LEU B 68 -7.95 -1.39 16.39
CA LEU B 68 -8.68 -0.46 17.24
C LEU B 68 -10.04 -0.11 16.64
N ASN B 69 -10.15 -0.09 15.32
CA ASN B 69 -11.39 0.27 14.64
C ASN B 69 -12.22 -0.96 14.26
N ASN B 70 -12.02 -2.09 14.94
CA ASN B 70 -12.76 -3.32 14.68
C ASN B 70 -12.67 -3.75 13.22
N TYR B 71 -11.49 -3.54 12.63
CA TYR B 71 -11.19 -4.01 11.28
C TYR B 71 -12.13 -3.40 10.26
N GLN B 72 -12.58 -2.18 10.51
CA GLN B 72 -13.49 -1.51 9.58
C GLN B 72 -12.71 -0.48 8.78
N GLU B 73 -13.08 -0.35 7.52
CA GLU B 73 -12.43 0.60 6.64
C GLU B 73 -12.79 2.02 7.03
N SER B 74 -11.95 2.95 6.62
CA SER B 74 -12.24 4.37 6.79
C SER B 74 -13.50 4.72 5.99
N PRO B 75 -14.35 5.61 6.50
CA PRO B 75 -15.52 6.03 5.72
C PRO B 75 -15.13 6.51 4.33
N HIS B 76 -14.03 7.26 4.22
CA HIS B 76 -13.60 7.77 2.93
C HIS B 76 -13.10 6.67 2.01
N MET B 77 -12.49 5.63 2.56
CA MET B 77 -12.09 4.52 1.71
C MET B 77 -13.27 3.61 1.40
N ARG B 78 -14.19 3.44 2.36
CA ARG B 78 -15.40 2.66 2.08
C ARG B 78 -16.20 3.30 0.96
N ILE B 79 -16.36 4.62 0.98
CA ILE B 79 -17.06 5.31 -0.11
C ILE B 79 -16.29 5.13 -1.41
N GLY B 80 -14.97 5.32 -1.36
CA GLY B 80 -14.17 5.21 -2.57
C GLY B 80 -14.24 3.82 -3.18
N ARG B 81 -14.28 2.79 -2.34
CA ARG B 81 -14.40 1.43 -2.86
C ARG B 81 -15.75 1.20 -3.52
N LYS B 82 -16.82 1.71 -2.89
CA LYS B 82 -18.15 1.57 -3.47
C LYS B 82 -18.27 2.35 -4.78
N VAL B 83 -17.62 3.51 -4.86
CA VAL B 83 -17.60 4.28 -6.10
C VAL B 83 -16.92 3.46 -7.20
N VAL B 84 -15.77 2.86 -6.87
CA VAL B 84 -15.03 2.06 -7.85
C VAL B 84 -15.89 0.89 -8.32
N ASN B 85 -16.48 0.15 -7.39
CA ASN B 85 -17.29 -1.01 -7.75
C ASN B 85 -18.50 -0.61 -8.61
N ARG B 86 -19.23 0.42 -8.18
CA ARG B 86 -20.43 0.82 -8.91
C ARG B 86 -20.11 1.49 -10.24
N PHE B 87 -18.99 2.22 -10.32
CA PHE B 87 -18.59 2.80 -11.59
C PHE B 87 -18.19 1.73 -12.60
N ALA B 88 -17.50 0.69 -12.15
CA ALA B 88 -17.11 -0.40 -13.03
C ALA B 88 -18.30 -1.13 -13.63
N HIS B 89 -19.45 -1.08 -12.94
CA HIS B 89 -20.67 -1.67 -13.45
C HIS B 89 -21.59 -0.64 -14.10
N GLN B 90 -21.08 0.58 -14.35
CA GLN B 90 -21.84 1.65 -15.00
C GLN B 90 -23.19 1.89 -14.32
N ASP B 91 -23.19 1.82 -12.99
CA ASP B 91 -24.43 1.84 -12.21
C ASP B 91 -24.67 3.24 -11.65
N ILE B 92 -25.26 4.09 -12.50
CA ILE B 92 -25.55 5.47 -12.11
C ILE B 92 -26.51 5.49 -10.92
N ALA B 93 -27.55 4.65 -10.97
CA ALA B 93 -28.53 4.62 -9.89
C ALA B 93 -27.87 4.31 -8.55
N ALA B 94 -26.94 3.35 -8.52
CA ALA B 94 -26.26 3.02 -7.27
C ALA B 94 -25.35 4.15 -6.83
N LEU B 95 -24.73 4.86 -7.77
CA LEU B 95 -23.91 6.01 -7.39
C LEU B 95 -24.78 7.10 -6.75
N GLU B 96 -25.96 7.33 -7.32
CA GLU B 96 -26.87 8.33 -6.75
C GLU B 96 -27.39 7.91 -5.39
N GLN B 97 -27.60 6.61 -5.17
CA GLN B 97 -27.96 6.15 -3.83
C GLN B 97 -26.82 6.38 -2.85
N LEU B 98 -25.57 6.26 -3.32
CA LEU B 98 -24.42 6.57 -2.49
C LEU B 98 -24.41 8.04 -2.09
N LEU B 99 -24.91 8.93 -2.96
CA LEU B 99 -24.95 10.35 -2.64
C LEU B 99 -25.84 10.63 -1.43
N GLU B 100 -27.02 9.99 -1.37
CA GLU B 100 -27.90 10.20 -0.22
C GLU B 100 -27.37 9.50 1.03
N GLU B 101 -26.66 8.39 0.84
CA GLU B 101 -26.04 7.68 1.96
C GLU B 101 -24.95 8.52 2.61
N VAL B 102 -24.12 9.19 1.80
CA VAL B 102 -23.09 10.08 2.32
C VAL B 102 -23.69 11.19 3.16
N ASP B 103 -24.88 11.67 2.81
CA ASP B 103 -25.48 12.80 3.51
C ASP B 103 -25.77 12.52 4.98
N GLN B 104 -25.89 11.25 5.38
CA GLN B 104 -26.16 10.89 6.76
C GLN B 104 -24.97 10.21 7.45
N GLU B 105 -23.77 10.31 6.87
CA GLU B 105 -22.60 9.65 7.43
C GLU B 105 -21.98 10.48 8.55
N GLN B 106 -21.38 9.79 9.52
CA GLN B 106 -20.71 10.47 10.63
C GLN B 106 -19.34 10.93 10.16
N MET B 107 -19.29 12.20 9.75
CA MET B 107 -18.06 12.87 9.36
C MET B 107 -18.36 14.36 9.29
N ALA B 108 -17.29 15.15 9.22
CA ALA B 108 -17.44 16.59 9.09
C ALA B 108 -18.22 16.95 7.82
N GLN B 109 -18.99 18.03 7.91
CA GLN B 109 -19.77 18.48 6.76
C GLN B 109 -18.88 18.69 5.53
N THR B 110 -17.70 19.28 5.73
CA THR B 110 -16.76 19.47 4.62
C THR B 110 -16.47 18.16 3.91
N TYR B 111 -16.28 17.09 4.69
CA TYR B 111 -15.94 15.80 4.10
C TYR B 111 -17.14 15.17 3.41
N ARG B 112 -18.35 15.37 3.94
CA ARG B 112 -19.54 14.88 3.26
C ARG B 112 -19.67 15.52 1.88
N ARG B 113 -19.41 16.82 1.79
CA ARG B 113 -19.50 17.52 0.51
C ARG B 113 -18.41 17.05 -0.46
N LEU B 114 -17.18 16.89 0.03
CA LEU B 114 -16.08 16.49 -0.85
C LEU B 114 -16.27 15.06 -1.36
N ASN B 115 -16.71 14.15 -0.49
CA ASN B 115 -16.97 12.79 -0.94
C ASN B 115 -18.08 12.78 -1.99
N ALA B 116 -19.09 13.63 -1.81
CA ALA B 116 -20.16 13.72 -2.80
C ALA B 116 -19.62 14.15 -4.14
N ILE B 117 -18.65 15.06 -4.14
CA ILE B 117 -18.05 15.54 -5.39
C ILE B 117 -17.32 14.42 -6.10
N VAL B 118 -16.61 13.56 -5.34
CA VAL B 118 -15.98 12.39 -5.94
C VAL B 118 -17.04 11.52 -6.61
N ILE B 119 -18.16 11.30 -5.93
CA ILE B 119 -19.23 10.48 -6.49
C ILE B 119 -19.78 11.11 -7.75
N LYS B 120 -20.06 12.42 -7.71
CA LYS B 120 -20.60 13.12 -8.87
C LYS B 120 -19.64 13.07 -10.05
N ASP B 121 -18.33 13.10 -9.80
CA ASP B 121 -17.37 12.92 -10.88
C ASP B 121 -17.58 11.57 -11.57
N ALA B 122 -17.84 10.52 -10.80
CA ALA B 122 -18.11 9.21 -11.40
C ALA B 122 -19.39 9.25 -12.22
N ILE B 123 -20.46 9.85 -11.69
CA ILE B 123 -21.71 9.96 -12.43
C ILE B 123 -21.52 10.75 -13.71
N HIS B 124 -20.76 11.85 -13.64
CA HIS B 124 -20.49 12.65 -14.82
C HIS B 124 -19.64 11.90 -15.83
N SER B 125 -18.71 11.05 -15.37
CA SER B 125 -17.93 10.23 -16.27
C SER B 125 -18.81 9.24 -17.03
N LEU B 126 -19.87 8.74 -16.38
CA LEU B 126 -20.79 7.83 -17.04
C LEU B 126 -21.84 8.57 -17.87
N ASN B 127 -22.35 9.70 -17.37
CA ASN B 127 -23.39 10.49 -18.03
C ASN B 127 -22.88 11.91 -18.18
N LYS B 128 -22.28 12.22 -19.33
CA LYS B 128 -21.71 13.55 -19.54
C LYS B 128 -22.74 14.67 -19.48
N SER B 129 -24.02 14.37 -19.67
CA SER B 129 -25.02 15.42 -19.55
C SER B 129 -25.34 15.74 -18.09
N TYR B 130 -24.88 14.93 -17.15
CA TYR B 130 -25.01 15.24 -15.74
C TYR B 130 -24.08 16.41 -15.42
N PRO B 131 -24.61 17.54 -14.95
CA PRO B 131 -23.78 18.74 -14.82
C PRO B 131 -22.75 18.61 -13.71
N LEU B 132 -21.70 19.42 -13.84
CA LEU B 132 -20.69 19.61 -12.81
C LEU B 132 -20.98 20.99 -12.25
N ALA B 133 -21.74 21.03 -11.15
CA ALA B 133 -22.17 22.28 -10.56
C ALA B 133 -21.00 23.19 -10.24
N GLU B 134 -21.16 24.48 -10.57
CA GLU B 134 -20.10 25.44 -10.30
C GLU B 134 -19.84 25.59 -8.80
N GLU B 135 -20.90 25.53 -7.99
CA GLU B 135 -20.71 25.63 -6.54
C GLU B 135 -19.86 24.48 -6.02
N ASP B 136 -19.96 23.30 -6.64
CA ASP B 136 -19.09 22.19 -6.28
C ASP B 136 -17.65 22.47 -6.70
N SER B 137 -17.46 22.98 -7.92
CA SER B 137 -16.12 23.32 -8.39
C SER B 137 -15.48 24.37 -7.47
N GLU B 138 -16.26 25.38 -7.07
CA GLU B 138 -15.73 26.41 -6.18
C GLU B 138 -15.39 25.84 -4.81
N PHE B 139 -16.23 24.95 -4.29
CA PHE B 139 -15.96 24.37 -2.97
C PHE B 139 -14.73 23.48 -3.02
N LEU B 140 -14.61 22.66 -4.06
CA LEU B 140 -13.45 21.78 -4.20
C LEU B 140 -12.17 22.58 -4.34
N THR B 141 -12.18 23.61 -5.18
CA THR B 141 -10.98 24.39 -5.44
C THR B 141 -10.52 25.12 -4.18
N THR B 142 -11.45 25.81 -3.51
CA THR B 142 -11.13 26.48 -2.26
C THR B 142 -10.50 25.52 -1.24
N TYR B 143 -11.05 24.31 -1.12
CA TYR B 143 -10.53 23.37 -0.13
C TYR B 143 -9.11 22.92 -0.47
N LEU B 144 -8.86 22.55 -1.73
CA LEU B 144 -7.54 22.08 -2.10
C LEU B 144 -6.49 23.17 -1.97
N TYR B 145 -6.86 24.42 -2.30
CA TYR B 145 -5.92 25.52 -2.07
C TYR B 145 -5.70 25.76 -0.58
N ALA B 146 -6.73 25.53 0.25
CA ALA B 146 -6.65 25.89 1.66
C ALA B 146 -5.79 24.91 2.47
N ILE B 147 -5.82 23.63 2.14
CA ILE B 147 -5.08 22.63 2.90
C ILE B 147 -3.60 22.76 2.54
N GLU B 148 -2.77 23.05 3.55
CA GLU B 148 -1.37 23.34 3.30
C GLU B 148 -0.56 22.07 3.04
N SER B 149 -0.90 20.98 3.71
CA SER B 149 -0.22 19.70 3.55
C SER B 149 -1.24 18.65 3.12
N TRP B 150 -1.07 18.12 1.91
CA TRP B 150 -2.06 17.20 1.35
C TRP B 150 -1.79 15.80 1.85
N THR B 151 -2.74 15.26 2.61
CA THR B 151 -2.69 13.89 3.11
C THR B 151 -3.25 12.94 2.06
N TRP B 152 -3.35 11.65 2.42
CA TRP B 152 -3.93 10.68 1.50
C TRP B 152 -5.30 11.13 1.00
N PHE B 153 -6.12 11.71 1.89
CA PHE B 153 -7.45 12.13 1.48
C PHE B 153 -7.39 13.17 0.37
N GLU B 154 -6.49 14.15 0.48
CA GLU B 154 -6.42 15.18 -0.57
C GLU B 154 -5.87 14.60 -1.87
N LEU B 155 -4.91 13.66 -1.78
CA LEU B 155 -4.42 13.01 -2.98
C LEU B 155 -5.54 12.21 -3.65
N TYR B 156 -6.31 11.50 -2.84
CA TYR B 156 -7.44 10.74 -3.38
C TYR B 156 -8.48 11.68 -3.98
N LEU B 157 -8.79 12.77 -3.28
CA LEU B 157 -9.75 13.75 -3.76
C LEU B 157 -9.29 14.40 -5.05
N PHE B 158 -8.03 14.86 -5.09
CA PHE B 158 -7.50 15.52 -6.28
C PHE B 158 -7.47 14.56 -7.45
N CYS B 159 -7.02 13.33 -7.22
CA CYS B 159 -6.87 12.36 -8.29
C CYS B 159 -8.20 12.06 -8.99
N ASN B 160 -9.32 12.15 -8.27
CA ASN B 160 -10.61 11.71 -8.78
C ASN B 160 -11.60 12.84 -9.10
N THR B 161 -11.19 14.10 -9.03
CA THR B 161 -12.12 15.19 -9.29
C THR B 161 -11.62 16.20 -10.33
N MET B 162 -10.58 15.87 -11.09
CA MET B 162 -9.99 16.82 -12.04
C MET B 162 -10.99 17.45 -13.02
N PRO B 163 -12.01 16.74 -13.55
CA PRO B 163 -12.99 17.43 -14.41
C PRO B 163 -13.70 18.62 -13.76
N PHE B 164 -13.72 18.72 -12.42
CA PHE B 164 -14.34 19.90 -11.82
C PHE B 164 -13.44 21.13 -11.88
N LEU B 165 -12.16 20.96 -12.16
CA LEU B 165 -11.24 22.08 -12.13
C LEU B 165 -11.23 22.81 -13.46
N SER B 166 -11.18 24.14 -13.38
CA SER B 166 -10.88 24.96 -14.55
C SER B 166 -9.47 24.66 -15.03
N ASN B 167 -9.17 25.08 -16.27
CA ASN B 167 -7.82 24.90 -16.78
C ASN B 167 -6.79 25.53 -15.85
N GLN B 168 -7.06 26.77 -15.41
CA GLN B 168 -6.09 27.47 -14.57
C GLN B 168 -5.88 26.76 -13.24
N ASP B 169 -6.96 26.34 -12.59
CA ASP B 169 -6.84 25.70 -11.29
C ASP B 169 -6.25 24.30 -11.42
N LEU B 170 -6.55 23.60 -12.52
CA LEU B 170 -5.87 22.33 -12.77
C LEU B 170 -4.36 22.52 -12.78
N ILE B 171 -3.88 23.53 -13.51
CA ILE B 171 -2.44 23.74 -13.61
C ILE B 171 -1.86 24.16 -12.26
N PHE B 172 -2.50 25.12 -11.59
CA PHE B 172 -1.97 25.59 -10.31
C PHE B 172 -1.99 24.48 -9.26
N LEU B 173 -3.09 23.73 -9.19
CA LEU B 173 -3.18 22.66 -8.21
C LEU B 173 -2.27 21.49 -8.57
N SER B 174 -2.13 21.19 -9.88
CA SER B 174 -1.19 20.14 -10.28
C SER B 174 0.23 20.53 -9.91
N THR B 175 0.57 21.81 -10.11
CA THR B 175 1.89 22.29 -9.73
C THR B 175 2.07 22.17 -8.21
N SER B 176 1.01 22.44 -7.45
CA SER B 176 1.10 22.43 -6.00
C SER B 176 1.20 21.01 -5.44
N LEU B 177 0.70 20.02 -6.17
CA LEU B 177 0.77 18.62 -5.72
C LEU B 177 2.19 18.24 -5.32
N LEU B 178 3.18 18.69 -6.10
CA LEU B 178 4.57 18.32 -5.85
C LEU B 178 5.02 18.75 -4.46
N GLU B 179 4.75 19.99 -4.08
CA GLU B 179 5.20 20.49 -2.78
C GLU B 179 4.26 20.10 -1.64
N LYS B 180 2.95 20.20 -1.87
CA LYS B 180 2.00 19.99 -0.78
C LYS B 180 1.92 18.55 -0.31
N SER B 181 2.38 17.59 -1.11
CA SER B 181 2.31 16.19 -0.74
C SER B 181 3.54 15.73 0.04
N LYS B 182 4.52 16.60 0.26
CA LYS B 182 5.83 16.15 0.72
C LYS B 182 5.80 15.61 2.15
N GLU B 183 4.89 16.09 3.00
CA GLU B 183 4.92 15.68 4.39
C GLU B 183 4.73 14.17 4.54
N PHE B 184 3.80 13.59 3.78
CA PHE B 184 3.49 12.17 3.88
C PHE B 184 3.80 11.42 2.58
N LYS B 185 4.65 12.02 1.73
CA LYS B 185 4.87 11.51 0.38
C LYS B 185 5.51 10.13 0.38
N GLU B 186 6.32 9.84 1.40
CA GLU B 186 7.02 8.56 1.45
C GLU B 186 6.10 7.39 1.79
N LEU B 187 4.89 7.63 2.28
CA LEU B 187 4.05 6.53 2.72
C LEU B 187 3.54 5.75 1.51
N VAL B 188 3.35 4.44 1.70
CA VAL B 188 3.09 3.55 0.56
C VAL B 188 1.80 3.93 -0.14
N HIS B 189 0.73 4.16 0.62
CA HIS B 189 -0.55 4.52 0.01
C HIS B 189 -0.47 5.87 -0.67
N ASN B 190 0.12 6.88 -0.01
CA ASN B 190 0.22 8.21 -0.61
C ASN B 190 1.05 8.17 -1.88
N ARG B 191 2.14 7.41 -1.88
CA ARG B 191 3.02 7.37 -3.04
C ARG B 191 2.29 6.78 -4.24
N LEU B 192 1.45 5.78 -4.00
CA LEU B 192 0.63 5.20 -5.06
C LEU B 192 -0.32 6.24 -5.65
N TYR B 193 -1.02 6.99 -4.79
CA TYR B 193 -1.98 7.97 -5.29
C TYR B 193 -1.31 9.18 -5.94
N MET B 194 -0.11 9.53 -5.50
CA MET B 194 0.60 10.61 -6.21
C MET B 194 0.98 10.18 -7.62
N LYS B 195 1.44 8.95 -7.79
CA LYS B 195 1.76 8.45 -9.12
C LYS B 195 0.51 8.42 -10.00
N GLN B 196 -0.61 7.95 -9.44
CA GLN B 196 -1.86 7.93 -10.22
C GLN B 196 -2.33 9.34 -10.53
N GLY B 197 -2.21 10.26 -9.57
CA GLY B 197 -2.57 11.64 -9.82
C GLY B 197 -1.75 12.26 -10.94
N LEU B 198 -0.45 11.97 -10.98
CA LEU B 198 0.41 12.49 -12.05
C LEU B 198 0.00 11.92 -13.40
N LEU B 199 -0.35 10.63 -13.44
CA LEU B 199 -0.85 10.05 -14.69
C LEU B 199 -2.15 10.72 -15.11
N ASN B 200 -3.03 11.01 -14.15
CA ASN B 200 -4.29 11.69 -14.49
C ASN B 200 -4.06 13.14 -14.87
N ILE B 201 -3.05 13.80 -14.28
CA ILE B 201 -2.69 15.16 -14.72
C ILE B 201 -2.34 15.14 -16.20
N LEU B 202 -1.45 14.22 -16.60
CA LEU B 202 -1.07 14.12 -18.00
C LEU B 202 -2.28 13.89 -18.89
N SER B 203 -3.20 13.03 -18.45
CA SER B 203 -4.42 12.74 -19.21
C SER B 203 -5.28 13.99 -19.37
N GLU B 204 -5.50 14.73 -18.29
CA GLU B 204 -6.31 15.95 -18.37
C GLU B 204 -5.66 16.98 -19.28
N LEU B 205 -4.35 17.18 -19.13
CA LEU B 205 -3.67 18.17 -19.96
C LEU B 205 -3.81 17.86 -21.45
N MET B 206 -3.66 16.59 -21.82
CA MET B 206 -3.87 16.19 -23.21
C MET B 206 -5.30 16.47 -23.65
N GLU B 207 -6.27 16.06 -22.83
CA GLU B 207 -7.68 16.24 -23.17
C GLU B 207 -8.03 17.72 -23.33
N ARG B 208 -7.37 18.59 -22.58
CA ARG B 208 -7.63 20.02 -22.65
C ARG B 208 -6.76 20.73 -23.68
N LYS B 209 -5.89 19.98 -24.37
CA LYS B 209 -4.99 20.53 -25.38
C LYS B 209 -3.95 21.47 -24.78
N LEU B 210 -3.64 21.28 -23.50
CA LEU B 210 -2.63 22.09 -22.81
C LEU B 210 -1.27 21.39 -22.84
N PHE B 211 -0.79 21.14 -24.07
CA PHE B 211 0.35 20.24 -24.26
C PHE B 211 1.65 20.80 -23.69
N SER B 212 1.81 22.12 -23.67
CA SER B 212 3.07 22.70 -23.21
C SER B 212 3.35 22.44 -21.73
N TYR B 213 2.34 22.07 -20.95
CA TYR B 213 2.55 21.83 -19.52
C TYR B 213 2.92 20.39 -19.21
N ILE B 214 2.86 19.51 -20.19
CA ILE B 214 3.10 18.08 -19.95
C ILE B 214 4.52 17.81 -19.44
N PRO B 215 5.58 18.42 -19.98
CA PRO B 215 6.94 18.04 -19.55
C PRO B 215 7.21 18.17 -18.05
N ILE B 216 6.65 19.20 -17.41
CA ILE B 216 6.86 19.38 -15.98
C ILE B 216 6.43 18.14 -15.20
N PHE B 217 5.30 17.56 -15.59
CA PHE B 217 4.76 16.46 -14.82
C PHE B 217 5.34 15.12 -15.25
N GLU B 218 5.81 15.01 -16.49
CA GLU B 218 6.58 13.84 -16.88
C GLU B 218 7.90 13.77 -16.11
N ALA B 219 8.54 14.92 -15.89
CA ALA B 219 9.77 14.94 -15.09
C ALA B 219 9.52 14.40 -13.68
N GLU B 220 8.39 14.78 -13.08
CA GLU B 220 8.08 14.27 -11.74
C GLU B 220 7.78 12.78 -11.78
N LEU B 221 7.05 12.35 -12.80
CA LEU B 221 6.74 10.93 -12.93
C LEU B 221 8.03 10.11 -13.13
N GLU B 222 8.96 10.64 -13.93
CA GLU B 222 10.25 9.99 -14.11
C GLU B 222 10.99 9.82 -12.79
N ARG B 223 10.97 10.85 -11.95
CA ARG B 223 11.66 10.77 -10.66
C ARG B 223 11.03 9.73 -9.74
N MET B 224 9.72 9.51 -9.85
CA MET B 224 9.01 8.68 -8.88
C MET B 224 8.89 7.22 -9.28
N LEU B 225 8.86 6.90 -10.57
CA LEU B 225 8.52 5.54 -11.00
C LEU B 225 9.70 4.59 -10.75
N ARG B 226 9.39 3.44 -10.18
CA ARG B 226 10.34 2.37 -9.94
C ARG B 226 10.12 1.22 -10.90
N PRO B 227 11.10 0.33 -11.08
CA PRO B 227 10.89 -0.80 -12.01
C PRO B 227 9.73 -1.70 -11.63
N TYR B 228 9.36 -1.75 -10.35
CA TYR B 228 8.18 -2.50 -9.94
C TYR B 228 6.90 -1.89 -10.50
N ASP B 229 6.91 -0.59 -10.79
CA ASP B 229 5.67 0.14 -11.11
C ASP B 229 5.25 -0.11 -12.56
N VAL B 230 4.95 -1.38 -12.86
CA VAL B 230 4.69 -1.78 -14.24
C VAL B 230 3.41 -1.13 -14.76
N PHE B 231 2.36 -1.09 -13.94
CA PHE B 231 1.11 -0.49 -14.41
C PHE B 231 1.27 0.98 -14.71
N GLU B 232 1.97 1.72 -13.84
CA GLU B 232 2.17 3.14 -14.07
C GLU B 232 3.08 3.38 -15.28
N LYS B 233 4.09 2.53 -15.46
CA LYS B 233 5.01 2.68 -16.59
C LYS B 233 4.32 2.44 -17.92
N VAL B 234 3.53 1.36 -18.03
CA VAL B 234 2.84 1.10 -19.28
C VAL B 234 1.77 2.17 -19.54
N SER B 235 1.11 2.64 -18.47
CA SER B 235 0.14 3.73 -18.64
C SER B 235 0.82 4.98 -19.18
N TRP B 236 1.99 5.31 -18.65
CA TRP B 236 2.73 6.45 -19.15
C TRP B 236 3.18 6.23 -20.58
N GLN B 237 3.65 5.02 -20.90
CA GLN B 237 3.99 4.68 -22.28
C GLN B 237 2.81 4.93 -23.21
N PHE B 238 1.62 4.49 -22.80
CA PHE B 238 0.42 4.72 -23.60
C PHE B 238 0.13 6.20 -23.75
N LEU B 239 0.26 6.96 -22.65
CA LEU B 239 -0.05 8.39 -22.70
C LEU B 239 0.95 9.15 -23.55
N LYS B 240 2.21 8.71 -23.58
CA LYS B 240 3.18 9.35 -24.47
C LYS B 240 2.77 9.20 -25.93
N LYS B 241 2.25 8.03 -26.30
CA LYS B 241 1.76 7.86 -27.67
C LYS B 241 0.51 8.69 -27.92
N MET B 242 -0.35 8.86 -26.91
CA MET B 242 -1.54 9.69 -27.08
C MET B 242 -1.15 11.15 -27.32
N SER B 243 -0.10 11.63 -26.66
CA SER B 243 0.35 13.00 -26.89
C SER B 243 0.88 13.18 -28.30
N VAL B 244 1.72 12.26 -28.77
CA VAL B 244 2.22 12.32 -30.15
C VAL B 244 1.06 12.23 -31.13
N PHE B 245 0.10 11.36 -30.86
CA PHE B 245 -1.07 11.22 -31.73
C PHE B 245 -1.81 12.55 -31.88
N LEU B 246 -2.09 13.22 -30.76
CA LEU B 246 -2.90 14.43 -30.81
C LEU B 246 -2.17 15.63 -31.40
N GLN B 247 -0.84 15.64 -31.36
CA GLN B 247 -0.07 16.77 -31.86
C GLN B 247 0.44 16.59 -33.28
N THR B 248 0.24 15.41 -33.89
CA THR B 248 0.79 15.15 -35.22
C THR B 248 -0.27 14.61 -36.18
N LYS B 249 -1.54 14.93 -35.93
CA LYS B 249 -2.64 14.50 -36.80
C LYS B 249 -2.69 12.98 -36.95
N GLY B 250 -2.47 12.27 -35.85
CA GLY B 250 -2.60 10.82 -35.87
C GLY B 250 -1.48 10.07 -36.57
N SER B 251 -0.26 10.64 -36.58
CA SER B 251 0.81 10.06 -37.39
C SER B 251 1.22 8.67 -36.90
N ASN B 252 1.03 8.37 -35.61
CA ASN B 252 1.50 7.12 -35.03
C ASN B 252 0.36 6.14 -34.74
N GLN B 253 -0.76 6.23 -35.46
CA GLN B 253 -1.90 5.37 -35.16
C GLN B 253 -1.54 3.90 -35.31
N LYS B 254 -0.76 3.55 -36.35
CA LYS B 254 -0.39 2.16 -36.52
C LYS B 254 0.48 1.66 -35.37
N GLU B 255 1.44 2.48 -34.93
CA GLU B 255 2.25 2.10 -33.78
C GLU B 255 1.39 1.89 -32.54
N ILE B 256 0.38 2.74 -32.35
CA ILE B 256 -0.53 2.60 -31.22
C ILE B 256 -1.31 1.30 -31.31
N GLU B 257 -1.86 1.02 -32.49
CA GLU B 257 -2.59 -0.23 -32.68
C GLU B 257 -1.70 -1.44 -32.43
N ARG B 258 -0.46 -1.40 -32.90
CA ARG B 258 0.46 -2.51 -32.63
C ARG B 258 0.77 -2.61 -31.15
N PHE B 259 0.87 -1.47 -30.46
CA PHE B 259 1.15 -1.47 -29.03
C PHE B 259 0.04 -2.14 -28.24
N ILE B 260 -1.21 -1.78 -28.54
CA ILE B 260 -2.34 -2.41 -27.87
C ILE B 260 -2.37 -3.90 -28.16
N GLN B 261 -2.12 -4.28 -29.42
CA GLN B 261 -2.08 -5.69 -29.78
C GLN B 261 -0.98 -6.41 -29.02
N SER B 262 0.17 -5.78 -28.84
CA SER B 262 1.27 -6.40 -28.12
C SER B 262 0.96 -6.61 -26.64
N LEU B 263 0.00 -5.86 -26.08
CA LEU B 263 -0.41 -6.09 -24.70
C LEU B 263 -1.26 -7.34 -24.54
N GLN B 264 -1.61 -8.01 -25.64
CA GLN B 264 -2.38 -9.24 -25.58
C GLN B 264 -1.66 -10.29 -24.76
N VAL B 265 -0.32 -10.20 -24.69
CA VAL B 265 0.49 -11.15 -23.93
C VAL B 265 0.14 -11.14 -22.46
N LEU B 266 -0.25 -9.98 -21.93
CA LEU B 266 -0.53 -9.89 -20.51
C LEU B 266 -1.86 -10.56 -20.14
N GLU B 267 -2.63 -11.03 -21.11
CA GLU B 267 -3.93 -11.66 -20.87
C GLU B 267 -4.76 -10.85 -19.88
N ASN B 268 -4.79 -9.55 -20.09
CA ASN B 268 -5.42 -8.60 -19.17
C ASN B 268 -6.44 -7.76 -19.94
N PRO B 269 -7.66 -8.25 -20.10
CA PRO B 269 -8.64 -7.52 -20.91
C PRO B 269 -9.03 -6.19 -20.30
N GLN B 270 -8.97 -6.06 -18.98
CA GLN B 270 -9.28 -4.79 -18.33
C GLN B 270 -8.23 -3.73 -18.69
N LEU B 271 -6.95 -4.12 -18.72
CA LEU B 271 -5.92 -3.17 -19.11
C LEU B 271 -6.04 -2.82 -20.59
N THR B 272 -6.24 -3.82 -21.44
CA THR B 272 -6.42 -3.58 -22.87
C THR B 272 -7.64 -2.71 -23.14
N SER B 273 -8.77 -3.04 -22.50
CA SER B 273 -9.99 -2.24 -22.65
C SER B 273 -9.76 -0.81 -22.17
N LEU B 274 -9.02 -0.64 -21.08
CA LEU B 274 -8.74 0.69 -20.56
C LEU B 274 -8.08 1.56 -21.62
N PHE B 275 -7.05 1.04 -22.30
CA PHE B 275 -6.32 1.84 -23.26
C PHE B 275 -7.11 2.05 -24.55
N GLU B 276 -7.83 1.01 -25.01
CA GLU B 276 -8.65 1.16 -26.21
C GLU B 276 -9.76 2.19 -26.02
N LEU B 277 -10.40 2.19 -24.85
CA LEU B 277 -11.44 3.18 -24.59
C LEU B 277 -10.86 4.59 -24.60
N ARG B 278 -9.75 4.79 -23.88
CA ARG B 278 -9.13 6.11 -23.84
C ARG B 278 -8.66 6.54 -25.22
N PHE B 279 -8.13 5.61 -26.02
CA PHE B 279 -7.72 5.92 -27.38
C PHE B 279 -8.88 6.45 -28.20
N GLN B 280 -10.05 5.80 -28.11
CA GLN B 280 -11.23 6.26 -28.83
C GLN B 280 -11.66 7.65 -28.36
N GLN B 281 -11.56 7.91 -27.06
CA GLN B 281 -11.96 9.22 -26.54
C GLN B 281 -11.08 10.32 -27.12
N TYR B 282 -9.78 10.09 -27.20
CA TYR B 282 -8.88 11.09 -27.78
C TYR B 282 -9.14 11.28 -29.27
N LYS B 283 -9.52 10.21 -29.98
CA LYS B 283 -9.88 10.35 -31.40
C LYS B 283 -11.09 11.26 -31.58
N GLU B 284 -12.04 11.21 -30.64
CA GLU B 284 -13.26 11.99 -30.71
C GLU B 284 -13.05 13.46 -30.38
N LEU B 285 -11.82 13.86 -30.04
CA LEU B 285 -11.56 15.28 -29.80
C LEU B 285 -11.56 16.02 -31.13
N ILE B 286 -11.76 17.32 -31.05
CA ILE B 286 -11.82 18.12 -32.27
C ILE B 286 -10.43 18.67 -32.55
N ASP B 287 -10.14 18.91 -33.82
CA ASP B 287 -8.84 19.41 -34.25
C ASP B 287 -8.97 20.22 -35.53
#